data_6UCH
#
_entry.id   6UCH
#
_entity_poly.entity_id   1
_entity_poly.type   'polypeptide(L)'
_entity_poly.pdbx_seq_one_letter_code
;GPLGSMPLLETLTDAEMEKKIRDQDRNTRRMRRLANTAPAW
;
_entity_poly.pdbx_strand_id   A
#
# COMPACT_ATOMS: atom_id res chain seq x y z
N GLY A 1 8.96 12.52 12.36
CA GLY A 1 9.76 11.41 11.77
C GLY A 1 8.83 10.23 11.48
N PRO A 2 8.65 9.37 12.45
CA PRO A 2 7.78 8.18 12.32
C PRO A 2 6.43 8.51 11.71
N LEU A 3 5.53 7.53 11.68
CA LEU A 3 4.20 7.74 11.12
C LEU A 3 3.16 7.90 12.23
N GLY A 4 2.00 8.41 11.87
CA GLY A 4 0.94 8.61 12.85
C GLY A 4 -0.44 8.55 12.18
N SER A 5 -1.45 9.08 12.86
CA SER A 5 -2.80 9.08 12.33
C SER A 5 -2.81 9.58 10.88
N MET A 6 -3.35 8.77 9.98
CA MET A 6 -3.41 9.14 8.58
C MET A 6 -3.47 10.65 8.42
N PRO A 7 -2.33 11.28 8.31
CA PRO A 7 -2.24 12.76 8.15
C PRO A 7 -2.67 13.22 6.77
N LEU A 8 -2.52 14.51 6.50
CA LEU A 8 -2.90 15.07 5.21
C LEU A 8 -2.10 16.34 4.91
N LEU A 9 -0.83 16.33 5.29
CA LEU A 9 0.03 17.49 5.07
C LEU A 9 1.49 17.13 5.33
N GLU A 10 1.80 15.85 5.21
CA GLU A 10 3.16 15.37 5.43
C GLU A 10 3.79 14.93 4.11
N THR A 11 3.89 15.84 3.16
CA THR A 11 4.47 15.54 1.86
C THR A 11 5.58 14.50 2.01
N LEU A 12 5.50 13.43 1.23
CA LEU A 12 6.50 12.38 1.28
C LEU A 12 7.35 12.39 0.02
N THR A 13 8.03 11.27 -0.24
CA THR A 13 8.88 11.15 -1.42
C THR A 13 8.48 9.93 -2.24
N ASP A 14 9.33 9.57 -3.20
CA ASP A 14 9.06 8.42 -4.04
C ASP A 14 9.27 7.12 -3.28
N ALA A 15 10.13 7.18 -2.26
CA ALA A 15 10.43 6.01 -1.44
C ALA A 15 9.23 5.64 -0.59
N GLU A 16 8.67 6.64 0.10
CA GLU A 16 7.51 6.40 0.96
C GLU A 16 6.31 5.95 0.12
N MET A 17 6.07 6.64 -0.98
CA MET A 17 4.94 6.30 -1.85
C MET A 17 5.09 4.87 -2.38
N GLU A 18 6.28 4.57 -2.91
CA GLU A 18 6.54 3.24 -3.45
C GLU A 18 6.51 2.20 -2.34
N LYS A 19 6.87 2.62 -1.13
CA LYS A 19 6.88 1.71 0.01
C LYS A 19 5.46 1.27 0.36
N LYS A 20 4.55 2.23 0.47
CA LYS A 20 3.16 1.93 0.79
C LYS A 20 2.49 1.19 -0.37
N ILE A 21 2.77 1.63 -1.59
CA ILE A 21 2.19 1.00 -2.77
C ILE A 21 2.67 -0.43 -2.91
N ARG A 22 3.98 -0.63 -2.76
CA ARG A 22 4.56 -1.96 -2.88
C ARG A 22 4.04 -2.87 -1.77
N ASP A 23 3.96 -2.33 -0.56
CA ASP A 23 3.47 -3.10 0.58
C ASP A 23 2.01 -3.47 0.38
N GLN A 24 1.20 -2.50 -0.03
CA GLN A 24 -0.22 -2.76 -0.26
C GLN A 24 -0.41 -3.67 -1.45
N ASP A 25 0.54 -3.64 -2.38
CA ASP A 25 0.46 -4.47 -3.57
C ASP A 25 0.78 -5.92 -3.23
N ARG A 26 1.74 -6.12 -2.34
CA ARG A 26 2.13 -7.45 -1.91
C ARG A 26 1.07 -8.06 -1.00
N ASN A 27 0.49 -7.22 -0.14
CA ASN A 27 -0.54 -7.69 0.78
C ASN A 27 -1.82 -8.02 0.02
N THR A 28 -2.23 -7.13 -0.87
CA THR A 28 -3.45 -7.35 -1.65
C THR A 28 -3.26 -8.53 -2.59
N ARG A 29 -2.12 -8.57 -3.28
CA ARG A 29 -1.84 -9.65 -4.21
C ARG A 29 -1.78 -10.99 -3.48
N ARG A 30 -1.13 -11.01 -2.32
CA ARG A 30 -1.01 -12.22 -1.54
C ARG A 30 -2.38 -12.71 -1.08
N MET A 31 -3.20 -11.78 -0.59
CA MET A 31 -4.54 -12.12 -0.12
C MET A 31 -5.46 -12.38 -1.30
N ARG A 32 -5.08 -11.87 -2.47
CA ARG A 32 -5.89 -12.04 -3.67
C ARG A 32 -5.76 -13.47 -4.19
N ARG A 33 -4.52 -13.95 -4.29
CA ARG A 33 -4.28 -15.31 -4.79
C ARG A 33 -4.85 -16.33 -3.81
N LEU A 34 -5.06 -15.90 -2.58
CA LEU A 34 -5.62 -16.79 -1.56
C LEU A 34 -6.90 -16.21 -0.97
N ALA A 35 -7.61 -15.44 -1.78
CA ALA A 35 -8.86 -14.83 -1.34
C ALA A 35 -9.47 -13.97 -2.45
N ASN A 36 -10.11 -14.63 -3.41
CA ASN A 36 -10.72 -13.92 -4.53
C ASN A 36 -11.33 -14.91 -5.52
N THR A 37 -12.66 -14.93 -5.58
CA THR A 37 -13.35 -15.83 -6.49
C THR A 37 -14.45 -15.10 -7.26
N ALA A 38 -14.04 -14.22 -8.16
CA ALA A 38 -15.00 -13.44 -8.95
C ALA A 38 -15.03 -13.94 -10.39
N PRO A 39 -15.89 -14.89 -10.68
CA PRO A 39 -16.01 -15.47 -12.05
C PRO A 39 -16.70 -14.50 -13.01
N ALA A 40 -16.71 -14.86 -14.29
CA ALA A 40 -17.33 -14.01 -15.31
C ALA A 40 -16.88 -14.43 -16.70
N TRP A 41 -17.75 -14.25 -17.69
CA TRP A 41 -17.42 -14.61 -19.06
C TRP A 41 -17.00 -16.07 -19.15
N GLY A 1 -14.37 30.73 5.33
CA GLY A 1 -13.34 29.93 4.60
C GLY A 1 -13.30 28.51 5.16
N PRO A 2 -13.28 27.53 4.29
CA PRO A 2 -13.24 26.10 4.71
C PRO A 2 -11.87 25.70 5.26
N LEU A 3 -10.84 26.46 4.90
CA LEU A 3 -9.50 26.18 5.37
C LEU A 3 -9.12 27.10 6.52
N GLY A 4 -8.08 26.72 7.25
CA GLY A 4 -7.63 27.53 8.39
C GLY A 4 -6.84 26.69 9.38
N SER A 5 -7.09 25.38 9.36
CA SER A 5 -6.40 24.47 10.26
C SER A 5 -5.25 23.77 9.55
N MET A 6 -4.27 23.31 10.33
CA MET A 6 -3.12 22.62 9.76
C MET A 6 -3.05 21.18 10.27
N PRO A 7 -3.92 20.34 9.78
CA PRO A 7 -3.97 18.90 10.18
C PRO A 7 -2.59 18.25 10.15
N LEU A 8 -2.56 16.93 10.22
CA LEU A 8 -1.30 16.19 10.20
C LEU A 8 -1.19 15.34 8.94
N LEU A 9 -1.71 15.85 7.84
CA LEU A 9 -1.67 15.12 6.57
C LEU A 9 -0.99 15.96 5.50
N GLU A 10 0.31 15.76 5.35
CA GLU A 10 1.08 16.51 4.35
C GLU A 10 1.40 15.62 3.15
N THR A 11 2.64 15.68 2.68
CA THR A 11 3.05 14.89 1.54
C THR A 11 4.39 14.21 1.81
N LEU A 12 4.64 13.10 1.13
CA LEU A 12 5.89 12.38 1.30
C LEU A 12 6.70 12.39 0.02
N THR A 13 7.68 11.50 -0.07
CA THR A 13 8.53 11.42 -1.24
C THR A 13 8.18 10.19 -2.07
N ASP A 14 9.03 9.88 -3.05
CA ASP A 14 8.81 8.72 -3.91
C ASP A 14 9.11 7.43 -3.16
N ALA A 15 9.97 7.53 -2.16
CA ALA A 15 10.35 6.36 -1.37
C ALA A 15 9.16 5.88 -0.53
N GLU A 16 8.51 6.80 0.15
CA GLU A 16 7.37 6.46 0.99
C GLU A 16 6.21 5.96 0.13
N MET A 17 5.94 6.68 -0.96
CA MET A 17 4.85 6.29 -1.85
C MET A 17 5.09 4.90 -2.42
N GLU A 18 6.31 4.64 -2.86
CA GLU A 18 6.65 3.34 -3.41
C GLU A 18 6.63 2.27 -2.33
N LYS A 19 6.98 2.67 -1.11
CA LYS A 19 7.00 1.74 0.01
C LYS A 19 5.59 1.24 0.31
N LYS A 20 4.64 2.16 0.42
CA LYS A 20 3.26 1.79 0.70
C LYS A 20 2.66 1.01 -0.46
N ILE A 21 2.86 1.52 -1.67
CA ILE A 21 2.34 0.87 -2.86
C ILE A 21 2.86 -0.56 -2.97
N ARG A 22 4.16 -0.72 -2.78
CA ARG A 22 4.79 -2.04 -2.85
C ARG A 22 4.19 -2.97 -1.79
N ASP A 23 4.16 -2.49 -0.54
CA ASP A 23 3.62 -3.28 0.55
C ASP A 23 2.15 -3.61 0.30
N GLN A 24 1.40 -2.61 -0.13
CA GLN A 24 -0.02 -2.80 -0.41
C GLN A 24 -0.22 -3.75 -1.59
N ASP A 25 0.77 -3.77 -2.48
CA ASP A 25 0.70 -4.64 -3.65
C ASP A 25 0.93 -6.09 -3.26
N ARG A 26 1.91 -6.32 -2.39
CA ARG A 26 2.22 -7.67 -1.94
C ARG A 26 1.10 -8.20 -1.04
N ASN A 27 0.53 -7.32 -0.24
CA ASN A 27 -0.54 -7.71 0.67
C ASN A 27 -1.82 -8.01 -0.10
N THR A 28 -2.18 -7.11 -1.00
CA THR A 28 -3.39 -7.29 -1.81
C THR A 28 -3.26 -8.53 -2.68
N ARG A 29 -2.10 -8.70 -3.30
CA ARG A 29 -1.86 -9.85 -4.16
C ARG A 29 -1.86 -11.14 -3.35
N ARG A 30 -1.26 -11.09 -2.17
CA ARG A 30 -1.19 -12.25 -1.30
C ARG A 30 -2.60 -12.69 -0.88
N MET A 31 -3.42 -11.71 -0.51
CA MET A 31 -4.78 -12.01 -0.08
C MET A 31 -5.68 -12.24 -1.29
N ARG A 32 -5.25 -11.74 -2.44
CA ARG A 32 -6.02 -11.91 -3.67
C ARG A 32 -5.94 -13.34 -4.17
N ARG A 33 -4.73 -13.88 -4.22
CA ARG A 33 -4.53 -15.25 -4.68
C ARG A 33 -5.08 -16.24 -3.66
N LEU A 34 -5.22 -15.79 -2.43
CA LEU A 34 -5.74 -16.64 -1.37
C LEU A 34 -5.68 -15.91 -0.02
N ALA A 35 -6.85 -15.58 0.53
CA ALA A 35 -6.92 -14.89 1.81
C ALA A 35 -7.76 -15.68 2.80
N ASN A 36 -8.55 -14.96 3.60
CA ASN A 36 -9.40 -15.62 4.58
C ASN A 36 -10.02 -14.58 5.52
N THR A 37 -9.47 -13.36 5.49
CA THR A 37 -9.97 -12.30 6.34
C THR A 37 -11.03 -11.48 5.62
N ALA A 38 -12.23 -12.03 5.53
CA ALA A 38 -13.32 -11.34 4.85
C ALA A 38 -12.89 -10.88 3.46
N PRO A 39 -13.10 -11.71 2.47
CA PRO A 39 -12.73 -11.40 1.06
C PRO A 39 -13.19 -10.01 0.63
N ALA A 40 -13.03 -9.70 -0.65
CA ALA A 40 -13.44 -8.41 -1.17
C ALA A 40 -13.41 -7.35 -0.07
N TRP A 41 -12.23 -6.79 0.20
CA TRP A 41 -12.08 -5.78 1.22
C TRP A 41 -13.12 -5.97 2.32
N GLY A 1 12.02 0.29 5.10
CA GLY A 1 13.39 0.87 5.27
C GLY A 1 13.43 1.72 6.53
N PRO A 2 13.40 3.02 6.37
CA PRO A 2 13.44 3.97 7.53
C PRO A 2 12.45 3.59 8.62
N LEU A 3 11.22 3.31 8.22
CA LEU A 3 10.19 2.93 9.18
C LEU A 3 9.98 4.03 10.20
N GLY A 4 8.72 4.39 10.44
CA GLY A 4 8.40 5.44 11.41
C GLY A 4 8.34 6.80 10.72
N SER A 5 7.20 7.09 10.09
CA SER A 5 7.02 8.36 9.40
C SER A 5 5.55 8.59 9.08
N MET A 6 5.27 9.12 7.89
CA MET A 6 3.90 9.38 7.48
C MET A 6 3.27 10.45 8.37
N PRO A 7 3.99 11.51 8.62
CA PRO A 7 3.49 12.64 9.47
C PRO A 7 2.42 13.45 8.77
N LEU A 8 2.07 14.59 9.37
CA LEU A 8 1.05 15.46 8.80
C LEU A 8 1.66 16.80 8.37
N LEU A 9 2.40 16.77 7.27
CA LEU A 9 3.03 17.98 6.76
C LEU A 9 3.95 17.64 5.58
N GLU A 10 3.73 18.33 4.47
CA GLU A 10 4.52 18.10 3.27
C GLU A 10 4.52 16.63 2.89
N THR A 11 3.95 16.32 1.74
CA THR A 11 3.89 14.94 1.26
C THR A 11 5.23 14.25 1.44
N LEU A 12 5.32 13.00 1.00
CA LEU A 12 6.56 12.25 1.11
C LEU A 12 7.30 12.23 -0.23
N THR A 13 8.21 11.28 -0.38
CA THR A 13 8.98 11.15 -1.61
C THR A 13 8.54 9.92 -2.40
N ASP A 14 9.36 9.53 -3.36
CA ASP A 14 9.05 8.37 -4.19
C ASP A 14 9.25 7.08 -3.40
N ALA A 15 10.13 7.14 -2.41
CA ALA A 15 10.41 5.97 -1.57
C ALA A 15 9.21 5.63 -0.70
N GLU A 16 8.65 6.64 -0.04
CA GLU A 16 7.50 6.44 0.82
C GLU A 16 6.30 5.96 0.01
N MET A 17 6.05 6.60 -1.12
CA MET A 17 4.94 6.23 -1.98
C MET A 17 5.10 4.79 -2.48
N GLU A 18 6.31 4.46 -2.93
CA GLU A 18 6.58 3.12 -3.43
C GLU A 18 6.54 2.11 -2.28
N LYS A 19 6.90 2.57 -1.09
CA LYS A 19 6.91 1.70 0.08
C LYS A 19 5.49 1.26 0.44
N LYS A 20 4.58 2.23 0.51
CA LYS A 20 3.20 1.93 0.85
C LYS A 20 2.53 1.15 -0.28
N ILE A 21 2.65 1.66 -1.50
CA ILE A 21 2.06 0.99 -2.65
C ILE A 21 2.59 -0.43 -2.78
N ARG A 22 3.90 -0.58 -2.57
CA ARG A 22 4.52 -1.90 -2.67
C ARG A 22 3.99 -2.84 -1.59
N ASP A 23 3.90 -2.32 -0.37
CA ASP A 23 3.40 -3.11 0.75
C ASP A 23 1.95 -3.51 0.52
N GLN A 24 1.14 -2.54 0.10
CA GLN A 24 -0.28 -2.79 -0.15
C GLN A 24 -0.45 -3.69 -1.37
N ASP A 25 0.52 -3.63 -2.27
CA ASP A 25 0.47 -4.44 -3.48
C ASP A 25 0.78 -5.90 -3.16
N ARG A 26 1.73 -6.11 -2.26
CA ARG A 26 2.12 -7.46 -1.86
C ARG A 26 1.06 -8.07 -0.96
N ASN A 27 0.47 -7.24 -0.10
CA ASN A 27 -0.57 -7.71 0.81
C ASN A 27 -1.84 -8.05 0.05
N THR A 28 -2.26 -7.16 -0.84
CA THR A 28 -3.46 -7.39 -1.63
C THR A 28 -3.26 -8.54 -2.61
N ARG A 29 -2.13 -8.53 -3.29
CA ARG A 29 -1.82 -9.58 -4.26
C ARG A 29 -1.75 -10.94 -3.57
N ARG A 30 -1.07 -10.98 -2.43
CA ARG A 30 -0.93 -12.22 -1.68
C ARG A 30 -2.30 -12.71 -1.20
N MET A 31 -3.10 -11.79 -0.68
CA MET A 31 -4.43 -12.14 -0.19
C MET A 31 -5.39 -12.35 -1.35
N ARG A 32 -5.04 -11.81 -2.50
CA ARG A 32 -5.87 -11.94 -3.69
C ARG A 32 -5.77 -13.36 -4.26
N ARG A 33 -4.54 -13.84 -4.42
CA ARG A 33 -4.32 -15.17 -4.96
C ARG A 33 -4.60 -16.23 -3.89
N LEU A 34 -4.55 -15.81 -2.63
CA LEU A 34 -4.80 -16.71 -1.52
C LEU A 34 -6.25 -16.61 -1.05
N ALA A 35 -7.17 -16.48 -2.01
CA ALA A 35 -8.59 -16.37 -1.69
C ALA A 35 -9.05 -17.59 -0.91
N ASN A 36 -9.68 -18.54 -1.62
CA ASN A 36 -10.18 -19.75 -0.98
C ASN A 36 -9.01 -20.61 -0.49
N THR A 37 -8.63 -21.60 -1.29
CA THR A 37 -7.54 -22.48 -0.93
C THR A 37 -7.57 -22.80 0.56
N ALA A 38 -8.61 -23.51 0.98
CA ALA A 38 -8.75 -23.87 2.39
C ALA A 38 -9.41 -22.74 3.17
N PRO A 39 -10.68 -22.88 3.45
CA PRO A 39 -11.46 -21.86 4.21
C PRO A 39 -11.08 -21.84 5.69
N ALA A 40 -11.33 -20.70 6.33
CA ALA A 40 -11.02 -20.56 7.75
C ALA A 40 -12.07 -19.70 8.45
N TRP A 41 -11.87 -19.46 9.73
CA TRP A 41 -12.81 -18.65 10.51
C TRP A 41 -14.03 -19.46 10.89
N GLY A 1 -12.59 16.82 13.85
CA GLY A 1 -11.47 17.78 13.64
C GLY A 1 -11.30 18.06 12.15
N PRO A 2 -11.07 19.29 11.80
CA PRO A 2 -10.89 19.71 10.38
C PRO A 2 -9.91 18.79 9.63
N LEU A 3 -9.09 18.08 10.39
CA LEU A 3 -8.11 17.17 9.80
C LEU A 3 -8.63 15.74 9.82
N GLY A 4 -7.92 14.84 9.14
CA GLY A 4 -8.32 13.44 9.09
C GLY A 4 -7.99 12.82 7.74
N SER A 5 -8.89 11.98 7.24
CA SER A 5 -8.68 11.33 5.96
C SER A 5 -9.62 11.92 4.91
N MET A 6 -9.11 12.87 4.13
CA MET A 6 -9.92 13.51 3.09
C MET A 6 -9.03 14.36 2.18
N PRO A 7 -8.39 15.35 2.73
CA PRO A 7 -7.50 16.27 1.96
C PRO A 7 -6.20 15.58 1.56
N LEU A 8 -5.50 16.18 0.61
CA LEU A 8 -4.23 15.63 0.14
C LEU A 8 -3.05 16.45 0.65
N LEU A 9 -2.81 16.39 1.96
CA LEU A 9 -1.71 17.15 2.56
C LEU A 9 -0.57 16.21 2.93
N GLU A 10 -0.49 15.09 2.24
CA GLU A 10 0.56 14.10 2.50
C GLU A 10 1.73 14.31 1.53
N THR A 11 2.60 15.24 1.86
CA THR A 11 3.76 15.52 1.01
C THR A 11 4.89 14.52 1.30
N LEU A 12 4.89 13.41 0.57
CA LEU A 12 5.91 12.40 0.75
C LEU A 12 6.85 12.36 -0.45
N THR A 13 7.58 11.26 -0.58
CA THR A 13 8.51 11.12 -1.69
C THR A 13 8.24 9.82 -2.46
N ASP A 14 9.16 9.44 -3.32
CA ASP A 14 9.01 8.22 -4.11
C ASP A 14 9.22 6.99 -3.24
N ALA A 15 9.99 7.16 -2.18
CA ALA A 15 10.27 6.05 -1.26
C ALA A 15 9.02 5.69 -0.47
N GLU A 16 8.37 6.70 0.11
CA GLU A 16 7.17 6.48 0.89
C GLU A 16 6.05 5.90 0.02
N MET A 17 5.86 6.50 -1.15
CA MET A 17 4.82 6.03 -2.07
C MET A 17 5.09 4.60 -2.49
N GLU A 18 6.32 4.32 -2.91
CA GLU A 18 6.69 2.98 -3.34
C GLU A 18 6.61 2.01 -2.17
N LYS A 19 6.85 2.51 -0.97
CA LYS A 19 6.81 1.68 0.23
C LYS A 19 5.38 1.21 0.50
N LYS A 20 4.45 2.14 0.49
CA LYS A 20 3.04 1.82 0.73
C LYS A 20 2.45 1.08 -0.46
N ILE A 21 2.72 1.59 -1.66
CA ILE A 21 2.21 0.97 -2.88
C ILE A 21 2.73 -0.46 -3.01
N ARG A 22 4.03 -0.64 -2.82
CA ARG A 22 4.63 -1.96 -2.92
C ARG A 22 4.12 -2.86 -1.79
N ASP A 23 4.05 -2.31 -0.59
CA ASP A 23 3.59 -3.08 0.56
C ASP A 23 2.12 -3.47 0.38
N GLN A 24 1.31 -2.50 -0.03
CA GLN A 24 -0.12 -2.76 -0.24
C GLN A 24 -0.33 -3.67 -1.44
N ASP A 25 0.61 -3.62 -2.38
CA ASP A 25 0.53 -4.44 -3.57
C ASP A 25 0.85 -5.90 -3.24
N ARG A 26 1.82 -6.10 -2.37
CA ARG A 26 2.21 -7.45 -1.96
C ARG A 26 1.17 -8.05 -1.02
N ASN A 27 0.61 -7.21 -0.15
CA ASN A 27 -0.40 -7.66 0.79
C ASN A 27 -1.70 -8.01 0.07
N THR A 28 -2.13 -7.13 -0.81
CA THR A 28 -3.36 -7.35 -1.57
C THR A 28 -3.18 -8.51 -2.55
N ARG A 29 -2.06 -8.52 -3.24
CA ARG A 29 -1.78 -9.58 -4.21
C ARG A 29 -1.73 -10.93 -3.51
N ARG A 30 -1.02 -11.01 -2.39
CA ARG A 30 -0.90 -12.24 -1.63
C ARG A 30 -2.28 -12.69 -1.13
N MET A 31 -3.04 -11.75 -0.59
CA MET A 31 -4.36 -12.05 -0.07
C MET A 31 -5.36 -12.21 -1.21
N ARG A 32 -5.02 -11.66 -2.36
CA ARG A 32 -5.89 -11.74 -3.53
C ARG A 32 -5.86 -13.14 -4.12
N ARG A 33 -4.65 -13.69 -4.28
CA ARG A 33 -4.49 -15.02 -4.84
C ARG A 33 -5.18 -16.06 -3.95
N LEU A 34 -5.39 -15.69 -2.70
CA LEU A 34 -6.03 -16.59 -1.75
C LEU A 34 -7.37 -16.01 -1.28
N ALA A 35 -7.83 -14.98 -1.98
CA ALA A 35 -9.09 -14.33 -1.62
C ALA A 35 -10.18 -14.71 -2.63
N ASN A 36 -10.45 -13.79 -3.55
CA ASN A 36 -11.47 -14.02 -4.57
C ASN A 36 -12.87 -13.94 -3.95
N THR A 37 -13.69 -13.06 -4.51
CA THR A 37 -15.05 -12.89 -4.02
C THR A 37 -15.83 -11.90 -4.89
N ALA A 38 -16.94 -12.37 -5.46
CA ALA A 38 -17.76 -11.52 -6.32
C ALA A 38 -16.95 -11.02 -7.50
N PRO A 39 -16.95 -11.77 -8.58
CA PRO A 39 -16.21 -11.40 -9.82
C PRO A 39 -16.87 -10.25 -10.57
N ALA A 40 -16.14 -9.15 -10.69
CA ALA A 40 -16.66 -7.97 -11.38
C ALA A 40 -16.47 -8.11 -12.90
N TRP A 41 -17.19 -9.06 -13.49
CA TRP A 41 -17.10 -9.29 -14.92
C TRP A 41 -18.48 -9.16 -15.58
N GLY A 1 19.08 8.44 -4.18
CA GLY A 1 17.76 8.73 -3.54
C GLY A 1 17.26 7.50 -2.81
N PRO A 2 17.96 7.07 -1.80
CA PRO A 2 17.58 5.88 -0.99
C PRO A 2 16.37 6.15 -0.10
N LEU A 3 16.62 6.73 1.07
CA LEU A 3 15.56 7.02 2.00
C LEU A 3 16.00 8.10 3.00
N GLY A 4 15.92 9.35 2.58
CA GLY A 4 16.32 10.46 3.44
C GLY A 4 15.50 11.71 3.14
N SER A 5 16.10 12.88 3.35
CA SER A 5 15.41 14.13 3.10
C SER A 5 14.47 14.47 4.25
N MET A 6 14.96 14.31 5.47
CA MET A 6 14.15 14.61 6.65
C MET A 6 12.69 14.24 6.40
N PRO A 7 12.40 12.98 6.32
CA PRO A 7 11.02 12.47 6.08
C PRO A 7 9.99 13.15 6.99
N LEU A 8 8.81 12.56 7.07
CA LEU A 8 7.75 13.11 7.91
C LEU A 8 7.88 14.62 8.02
N LEU A 9 7.58 15.32 6.92
CA LEU A 9 7.66 16.77 6.89
C LEU A 9 7.43 17.29 5.48
N GLU A 10 6.47 18.20 5.36
CA GLU A 10 6.14 18.78 4.06
C GLU A 10 5.94 17.69 3.02
N THR A 11 5.01 16.77 3.30
CA THR A 11 4.73 15.68 2.39
C THR A 11 5.85 14.65 2.41
N LEU A 12 5.71 13.60 1.61
CA LEU A 12 6.71 12.55 1.55
C LEU A 12 7.45 12.59 0.22
N THR A 13 8.11 11.48 -0.11
CA THR A 13 8.85 11.39 -1.35
C THR A 13 8.40 10.18 -2.16
N ASP A 14 9.18 9.82 -3.18
CA ASP A 14 8.84 8.69 -4.02
C ASP A 14 9.09 7.38 -3.28
N ALA A 15 10.00 7.41 -2.33
CA ALA A 15 10.34 6.23 -1.55
C ALA A 15 9.14 5.79 -0.71
N GLU A 16 8.53 6.74 -0.01
CA GLU A 16 7.38 6.44 0.82
C GLU A 16 6.24 5.86 -0.01
N MET A 17 5.98 6.49 -1.16
CA MET A 17 4.92 6.04 -2.05
C MET A 17 5.17 4.61 -2.49
N GLU A 18 6.38 4.34 -2.96
CA GLU A 18 6.75 3.01 -3.42
C GLU A 18 6.70 2.01 -2.26
N LYS A 19 6.96 2.50 -1.06
CA LYS A 19 6.94 1.65 0.12
C LYS A 19 5.52 1.21 0.44
N LYS A 20 4.61 2.18 0.49
CA LYS A 20 3.21 1.88 0.78
C LYS A 20 2.57 1.10 -0.37
N ILE A 21 2.75 1.60 -1.59
CA ILE A 21 2.19 0.95 -2.76
C ILE A 21 2.70 -0.49 -2.87
N ARG A 22 4.00 -0.66 -2.69
CA ARG A 22 4.61 -1.99 -2.77
C ARG A 22 4.05 -2.89 -1.68
N ASP A 23 4.00 -2.37 -0.46
CA ASP A 23 3.49 -3.15 0.67
C ASP A 23 2.03 -3.53 0.44
N GLN A 24 1.23 -2.55 0.00
CA GLN A 24 -0.18 -2.80 -0.25
C GLN A 24 -0.36 -3.73 -1.45
N ASP A 25 0.62 -3.72 -2.34
CA ASP A 25 0.57 -4.57 -3.53
C ASP A 25 0.85 -6.01 -3.15
N ARG A 26 1.79 -6.21 -2.23
CA ARG A 26 2.15 -7.54 -1.79
C ARG A 26 1.06 -8.12 -0.88
N ASN A 27 0.47 -7.26 -0.06
CA ASN A 27 -0.59 -7.69 0.84
C ASN A 27 -1.85 -8.04 0.08
N THR A 28 -2.24 -7.15 -0.84
CA THR A 28 -3.44 -7.38 -1.64
C THR A 28 -3.24 -8.56 -2.59
N ARG A 29 -2.10 -8.58 -3.27
CA ARG A 29 -1.80 -9.66 -4.20
C ARG A 29 -1.74 -11.00 -3.46
N ARG A 30 -1.10 -11.00 -2.30
CA ARG A 30 -0.98 -12.23 -1.51
C ARG A 30 -2.36 -12.72 -1.06
N MET A 31 -3.18 -11.78 -0.59
CA MET A 31 -4.52 -12.13 -0.14
C MET A 31 -5.47 -12.30 -1.32
N ARG A 32 -5.09 -11.72 -2.46
CA ARG A 32 -5.91 -11.81 -3.65
C ARG A 32 -5.82 -13.21 -4.26
N ARG A 33 -4.59 -13.70 -4.43
CA ARG A 33 -4.38 -15.02 -4.99
C ARG A 33 -4.96 -16.09 -4.09
N LEU A 34 -5.15 -15.74 -2.82
CA LEU A 34 -5.71 -16.68 -1.86
C LEU A 34 -4.60 -17.57 -1.28
N ALA A 35 -4.54 -17.65 0.04
CA ALA A 35 -3.53 -18.47 0.69
C ALA A 35 -2.18 -17.77 0.70
N ASN A 36 -1.43 -17.96 -0.38
CA ASN A 36 -0.12 -17.33 -0.51
C ASN A 36 0.67 -17.95 -1.65
N THR A 37 1.79 -17.34 -2.00
CA THR A 37 2.63 -17.84 -3.07
C THR A 37 3.68 -18.82 -2.54
N ALA A 38 4.89 -18.72 -3.06
CA ALA A 38 5.98 -19.60 -2.62
C ALA A 38 7.14 -18.78 -2.07
N PRO A 39 6.96 -18.16 -0.95
CA PRO A 39 8.02 -17.33 -0.30
C PRO A 39 9.36 -18.04 -0.25
N ALA A 40 10.28 -17.51 0.54
CA ALA A 40 11.61 -18.10 0.67
C ALA A 40 12.25 -17.71 1.99
N TRP A 41 12.30 -18.65 2.92
CA TRP A 41 12.90 -18.39 4.23
C TRP A 41 14.42 -18.51 4.16
N GLY A 1 -7.12 6.25 11.65
CA GLY A 1 -8.20 6.99 10.93
C GLY A 1 -8.74 6.14 9.79
N PRO A 2 -9.73 5.33 10.06
CA PRO A 2 -10.34 4.45 9.03
C PRO A 2 -10.65 5.18 7.73
N LEU A 3 -9.74 5.09 6.78
CA LEU A 3 -9.92 5.75 5.49
C LEU A 3 -10.20 7.24 5.69
N GLY A 4 -9.14 8.01 5.91
CA GLY A 4 -9.28 9.45 6.12
C GLY A 4 -8.86 10.22 4.88
N SER A 5 -9.60 11.27 4.57
CA SER A 5 -9.29 12.09 3.40
C SER A 5 -9.08 13.54 3.80
N MET A 6 -8.05 14.17 3.24
CA MET A 6 -7.75 15.57 3.55
C MET A 6 -6.54 16.04 2.75
N PRO A 7 -6.51 17.30 2.43
CA PRO A 7 -5.39 17.91 1.65
C PRO A 7 -4.13 18.05 2.48
N LEU A 8 -3.04 18.46 1.84
CA LEU A 8 -1.77 18.64 2.53
C LEU A 8 -1.59 17.57 3.60
N LEU A 9 -0.99 16.44 3.20
CA LEU A 9 -0.76 15.35 4.13
C LEU A 9 0.72 14.99 4.18
N GLU A 10 1.43 15.58 5.12
CA GLU A 10 2.86 15.32 5.27
C GLU A 10 3.48 14.92 3.94
N THR A 11 4.01 15.91 3.22
CA THR A 11 4.63 15.65 1.93
C THR A 11 5.69 14.57 2.05
N LEU A 12 5.58 13.53 1.22
CA LEU A 12 6.54 12.44 1.24
C LEU A 12 7.38 12.44 -0.03
N THR A 13 8.01 11.31 -0.31
CA THR A 13 8.85 11.19 -1.50
C THR A 13 8.44 9.96 -2.31
N ASP A 14 9.29 9.59 -3.27
CA ASP A 14 9.01 8.44 -4.11
C ASP A 14 9.22 7.14 -3.34
N ALA A 15 10.07 7.20 -2.33
CA ALA A 15 10.35 6.02 -1.51
C ALA A 15 9.14 5.66 -0.66
N GLU A 16 8.58 6.66 0.02
CA GLU A 16 7.42 6.44 0.87
C GLU A 16 6.24 5.92 0.05
N MET A 17 6.00 6.56 -1.09
CA MET A 17 4.90 6.16 -1.96
C MET A 17 5.11 4.72 -2.46
N GLU A 18 6.30 4.45 -2.96
CA GLU A 18 6.61 3.11 -3.46
C GLU A 18 6.60 2.10 -2.32
N LYS A 19 6.93 2.56 -1.12
CA LYS A 19 6.96 1.69 0.04
C LYS A 19 5.55 1.22 0.40
N LYS A 20 4.61 2.17 0.47
CA LYS A 20 3.23 1.84 0.80
C LYS A 20 2.59 1.07 -0.34
N ILE A 21 2.71 1.59 -1.55
CA ILE A 21 2.13 0.94 -2.72
C ILE A 21 2.68 -0.48 -2.86
N ARG A 22 3.97 -0.63 -2.65
CA ARG A 22 4.62 -1.94 -2.76
C ARG A 22 4.09 -2.89 -1.69
N ASP A 23 4.01 -2.39 -0.46
CA ASP A 23 3.53 -3.19 0.65
C ASP A 23 2.05 -3.54 0.46
N GLN A 24 1.26 -2.53 0.09
CA GLN A 24 -0.16 -2.74 -0.12
C GLN A 24 -0.40 -3.63 -1.33
N ASP A 25 0.55 -3.60 -2.27
CA ASP A 25 0.44 -4.41 -3.47
C ASP A 25 0.74 -5.88 -3.16
N ARG A 26 1.74 -6.09 -2.31
CA ARG A 26 2.11 -7.45 -1.93
C ARG A 26 1.06 -8.07 -1.02
N ASN A 27 0.48 -7.24 -0.16
CA ASN A 27 -0.55 -7.71 0.76
C ASN A 27 -1.85 -8.01 0.01
N THR A 28 -2.29 -7.05 -0.81
CA THR A 28 -3.51 -7.24 -1.57
C THR A 28 -3.37 -8.41 -2.53
N ARG A 29 -2.25 -8.46 -3.24
CA ARG A 29 -2.01 -9.55 -4.19
C ARG A 29 -1.86 -10.87 -3.45
N ARG A 30 -1.21 -10.83 -2.29
CA ARG A 30 -1.00 -12.03 -1.50
C ARG A 30 -2.34 -12.63 -1.07
N MET A 31 -3.26 -11.76 -0.66
CA MET A 31 -4.57 -12.22 -0.22
C MET A 31 -5.47 -12.50 -1.43
N ARG A 32 -5.15 -11.86 -2.54
CA ARG A 32 -5.93 -12.06 -3.77
C ARG A 32 -5.61 -13.42 -4.39
N ARG A 33 -4.37 -13.87 -4.22
CA ARG A 33 -3.96 -15.16 -4.77
C ARG A 33 -4.63 -16.30 -4.01
N LEU A 34 -5.08 -16.00 -2.80
CA LEU A 34 -5.73 -17.01 -1.96
C LEU A 34 -6.85 -17.70 -2.73
N ALA A 35 -8.09 -17.45 -2.31
CA ALA A 35 -9.24 -18.05 -2.98
C ALA A 35 -10.22 -16.97 -3.42
N ASN A 36 -10.06 -16.49 -4.64
CA ASN A 36 -10.94 -15.46 -5.16
C ASN A 36 -11.46 -14.58 -4.04
N THR A 37 -10.63 -13.66 -3.58
CA THR A 37 -11.01 -12.76 -2.50
C THR A 37 -10.96 -11.31 -2.98
N ALA A 38 -11.20 -11.11 -4.27
CA ALA A 38 -11.18 -9.76 -4.83
C ALA A 38 -12.58 -9.36 -5.30
N PRO A 39 -13.36 -8.79 -4.43
CA PRO A 39 -14.75 -8.35 -4.75
C PRO A 39 -14.77 -7.10 -5.61
N ALA A 40 -15.89 -6.40 -5.63
CA ALA A 40 -16.03 -5.19 -6.43
C ALA A 40 -15.29 -5.34 -7.76
N TRP A 41 -15.77 -6.25 -8.59
CA TRP A 41 -15.14 -6.48 -9.89
C TRP A 41 -15.85 -5.67 -10.97
N GLY A 1 12.68 29.02 -0.14
CA GLY A 1 12.35 30.18 -1.03
C GLY A 1 13.48 30.38 -2.04
N PRO A 2 14.34 31.32 -1.78
CA PRO A 2 15.50 31.63 -2.67
C PRO A 2 16.59 30.57 -2.59
N LEU A 3 17.53 30.62 -3.53
CA LEU A 3 18.62 29.65 -3.56
C LEU A 3 18.09 28.24 -3.29
N GLY A 4 19.01 27.32 -3.02
CA GLY A 4 18.63 25.94 -2.75
C GLY A 4 18.45 25.72 -1.25
N SER A 5 17.20 25.70 -0.81
CA SER A 5 16.90 25.50 0.61
C SER A 5 15.93 24.33 0.78
N MET A 6 15.23 24.32 1.91
CA MET A 6 14.28 23.24 2.19
C MET A 6 12.86 23.78 2.23
N PRO A 7 12.21 23.87 1.10
CA PRO A 7 10.82 24.38 0.99
C PRO A 7 9.80 23.38 1.54
N LEU A 8 9.34 23.62 2.76
CA LEU A 8 8.36 22.74 3.38
C LEU A 8 8.72 21.28 3.13
N LEU A 9 9.48 20.69 4.04
CA LEU A 9 9.88 19.30 3.91
C LEU A 9 8.96 18.39 4.71
N GLU A 10 7.75 18.87 4.93
CA GLU A 10 6.76 18.10 5.69
C GLU A 10 6.08 17.06 4.80
N THR A 11 6.77 16.67 3.72
CA THR A 11 6.22 15.69 2.79
C THR A 11 7.14 14.48 2.72
N LEU A 12 6.80 13.55 1.82
CA LEU A 12 7.60 12.34 1.65
C LEU A 12 8.31 12.35 0.31
N THR A 13 8.76 11.19 -0.13
CA THR A 13 9.46 11.07 -1.41
C THR A 13 8.89 9.91 -2.22
N ASP A 14 9.63 9.51 -3.25
CA ASP A 14 9.20 8.41 -4.12
C ASP A 14 9.32 7.09 -3.39
N ALA A 15 10.24 7.03 -2.43
CA ALA A 15 10.46 5.81 -1.66
C ALA A 15 9.26 5.52 -0.77
N GLU A 16 8.80 6.53 -0.05
CA GLU A 16 7.65 6.36 0.85
C GLU A 16 6.43 5.93 0.06
N MET A 17 6.18 6.59 -1.06
CA MET A 17 5.03 6.28 -1.90
C MET A 17 5.13 4.85 -2.42
N GLU A 18 6.30 4.48 -2.92
CA GLU A 18 6.52 3.14 -3.44
C GLU A 18 6.49 2.12 -2.31
N LYS A 19 6.90 2.54 -1.12
CA LYS A 19 6.91 1.65 0.04
C LYS A 19 5.49 1.26 0.42
N LYS A 20 4.62 2.25 0.55
CA LYS A 20 3.23 2.00 0.92
C LYS A 20 2.51 1.24 -0.19
N ILE A 21 2.61 1.77 -1.41
CA ILE A 21 1.95 1.14 -2.56
C ILE A 21 2.47 -0.29 -2.75
N ARG A 22 3.78 -0.45 -2.65
CA ARG A 22 4.39 -1.77 -2.82
C ARG A 22 3.89 -2.72 -1.75
N ASP A 23 3.84 -2.25 -0.51
CA ASP A 23 3.37 -3.07 0.60
C ASP A 23 1.91 -3.45 0.41
N GLN A 24 1.09 -2.47 0.04
CA GLN A 24 -0.33 -2.72 -0.18
C GLN A 24 -0.54 -3.63 -1.38
N ASP A 25 0.41 -3.60 -2.30
CA ASP A 25 0.33 -4.42 -3.50
C ASP A 25 0.66 -5.87 -3.17
N ARG A 26 1.66 -6.05 -2.30
CA ARG A 26 2.08 -7.39 -1.91
C ARG A 26 1.03 -8.02 -1.00
N ASN A 27 0.42 -7.21 -0.15
CA ASN A 27 -0.60 -7.70 0.77
C ASN A 27 -1.88 -8.03 0.01
N THR A 28 -2.34 -7.10 -0.81
CA THR A 28 -3.56 -7.32 -1.58
C THR A 28 -3.39 -8.49 -2.54
N ARG A 29 -2.26 -8.52 -3.24
CA ARG A 29 -1.99 -9.60 -4.19
C ARG A 29 -1.80 -10.91 -3.45
N ARG A 30 -1.16 -10.85 -2.28
CA ARG A 30 -0.93 -12.05 -1.48
C ARG A 30 -2.24 -12.67 -1.05
N MET A 31 -3.20 -11.84 -0.65
CA MET A 31 -4.50 -12.33 -0.22
C MET A 31 -5.37 -12.65 -1.44
N ARG A 32 -5.07 -12.00 -2.55
CA ARG A 32 -5.83 -12.22 -3.77
C ARG A 32 -5.48 -13.57 -4.38
N ARG A 33 -4.22 -13.99 -4.22
CA ARG A 33 -3.78 -15.26 -4.75
C ARG A 33 -4.60 -16.41 -4.18
N LEU A 34 -5.24 -16.16 -3.05
CA LEU A 34 -6.07 -17.16 -2.40
C LEU A 34 -5.21 -18.34 -1.94
N ALA A 35 -5.20 -18.59 -0.63
CA ALA A 35 -4.41 -19.68 -0.08
C ALA A 35 -5.27 -20.93 0.06
N ASN A 36 -6.37 -20.98 -0.68
CA ASN A 36 -7.27 -22.13 -0.63
C ASN A 36 -7.69 -22.55 -2.03
N THR A 37 -7.44 -23.81 -2.36
CA THR A 37 -7.80 -24.34 -3.68
C THR A 37 -8.29 -25.77 -3.57
N ALA A 38 -9.57 -25.97 -3.87
CA ALA A 38 -10.16 -27.31 -3.80
C ALA A 38 -9.37 -28.28 -4.66
N PRO A 39 -9.14 -29.47 -4.16
CA PRO A 39 -8.39 -30.52 -4.90
C PRO A 39 -9.19 -31.12 -6.04
N ALA A 40 -8.50 -31.61 -7.06
CA ALA A 40 -9.16 -32.21 -8.21
C ALA A 40 -9.05 -33.73 -8.16
N TRP A 41 -9.94 -34.36 -7.42
CA TRP A 41 -9.93 -35.82 -7.29
C TRP A 41 -9.68 -36.47 -8.64
N GLY A 1 17.09 29.97 3.79
CA GLY A 1 16.63 28.56 3.70
C GLY A 1 15.66 28.27 4.83
N PRO A 2 16.16 27.85 5.96
CA PRO A 2 15.32 27.52 7.14
C PRO A 2 14.75 28.78 7.81
N LEU A 3 13.80 29.42 7.14
CA LEU A 3 13.19 30.63 7.67
C LEU A 3 11.69 30.64 7.39
N GLY A 4 10.92 30.06 8.30
CA GLY A 4 9.47 30.01 8.15
C GLY A 4 8.92 28.67 8.61
N SER A 5 8.06 28.71 9.62
CA SER A 5 7.46 27.49 10.14
C SER A 5 5.94 27.60 10.17
N MET A 6 5.29 26.84 9.29
CA MET A 6 3.83 26.86 9.21
C MET A 6 3.36 26.27 7.90
N PRO A 7 3.90 26.74 6.80
CA PRO A 7 3.53 26.26 5.44
C PRO A 7 3.51 24.73 5.36
N LEU A 8 3.30 24.21 4.16
CA LEU A 8 3.26 22.76 3.96
C LEU A 8 4.65 22.24 3.61
N LEU A 9 5.58 22.35 4.56
CA LEU A 9 6.95 21.88 4.34
C LEU A 9 7.07 20.42 4.74
N GLU A 10 5.96 19.71 4.70
CA GLU A 10 5.95 18.29 5.05
C GLU A 10 5.89 17.42 3.80
N THR A 11 5.05 16.40 3.83
CA THR A 11 4.91 15.50 2.70
C THR A 11 6.00 14.43 2.72
N LEU A 12 5.86 13.44 1.85
CA LEU A 12 6.84 12.36 1.77
C LEU A 12 7.61 12.43 0.47
N THR A 13 8.26 11.32 0.11
CA THR A 13 9.03 11.25 -1.13
C THR A 13 8.57 10.10 -1.99
N ASP A 14 9.36 9.75 -2.99
CA ASP A 14 9.03 8.66 -3.89
C ASP A 14 9.21 7.31 -3.19
N ALA A 15 10.10 7.29 -2.20
CA ALA A 15 10.36 6.07 -1.46
C ALA A 15 9.15 5.67 -0.62
N GLU A 16 8.59 6.63 0.10
CA GLU A 16 7.44 6.37 0.94
C GLU A 16 6.25 5.91 0.09
N MET A 17 6.02 6.61 -1.01
CA MET A 17 4.92 6.25 -1.90
C MET A 17 5.11 4.84 -2.46
N GLU A 18 6.33 4.55 -2.93
CA GLU A 18 6.63 3.24 -3.48
C GLU A 18 6.61 2.18 -2.38
N LYS A 19 6.96 2.59 -1.16
CA LYS A 19 6.98 1.67 -0.03
C LYS A 19 5.56 1.18 0.29
N LYS A 20 4.63 2.12 0.41
CA LYS A 20 3.25 1.78 0.71
C LYS A 20 2.61 1.03 -0.46
N ILE A 21 2.81 1.55 -1.66
CA ILE A 21 2.25 0.93 -2.86
C ILE A 21 2.73 -0.51 -2.98
N ARG A 22 4.03 -0.72 -2.81
CA ARG A 22 4.61 -2.06 -2.90
C ARG A 22 4.07 -2.95 -1.78
N ASP A 23 4.01 -2.41 -0.57
CA ASP A 23 3.51 -3.17 0.56
C ASP A 23 2.03 -3.52 0.37
N GLN A 24 1.24 -2.53 -0.05
CA GLN A 24 -0.18 -2.75 -0.28
C GLN A 24 -0.40 -3.66 -1.46
N ASP A 25 0.55 -3.65 -2.39
CA ASP A 25 0.45 -4.49 -3.58
C ASP A 25 0.73 -5.95 -3.23
N ARG A 26 1.70 -6.16 -2.35
CA ARG A 26 2.06 -7.51 -1.93
C ARG A 26 0.97 -8.09 -1.02
N ASN A 27 0.43 -7.23 -0.15
CA ASN A 27 -0.60 -7.66 0.77
C ASN A 27 -1.90 -8.00 0.02
N THR A 28 -2.31 -7.07 -0.84
CA THR A 28 -3.53 -7.27 -1.63
C THR A 28 -3.38 -8.47 -2.55
N ARG A 29 -2.25 -8.53 -3.26
CA ARG A 29 -1.99 -9.62 -4.18
C ARG A 29 -1.78 -10.93 -3.41
N ARG A 30 -1.31 -10.82 -2.18
CA ARG A 30 -1.06 -11.99 -1.36
C ARG A 30 -2.39 -12.61 -0.91
N MET A 31 -3.33 -11.76 -0.51
CA MET A 31 -4.64 -12.24 -0.07
C MET A 31 -5.52 -12.57 -1.25
N ARG A 32 -5.25 -11.93 -2.39
CA ARG A 32 -6.03 -12.16 -3.59
C ARG A 32 -5.68 -13.51 -4.20
N ARG A 33 -4.38 -13.79 -4.31
CA ARG A 33 -3.93 -15.06 -4.87
C ARG A 33 -4.38 -16.23 -4.01
N LEU A 34 -4.69 -15.94 -2.75
CA LEU A 34 -5.13 -16.96 -1.82
C LEU A 34 -6.40 -17.65 -2.34
N ALA A 35 -7.52 -17.42 -1.65
CA ALA A 35 -8.78 -18.03 -2.06
C ALA A 35 -9.44 -17.20 -3.15
N ASN A 36 -10.76 -17.02 -3.03
CA ASN A 36 -11.50 -16.24 -4.02
C ASN A 36 -12.99 -16.54 -3.92
N THR A 37 -13.31 -17.77 -3.51
CA THR A 37 -14.71 -18.17 -3.39
C THR A 37 -14.83 -19.42 -2.50
N ALA A 38 -15.26 -19.22 -1.27
CA ALA A 38 -15.40 -20.33 -0.33
C ALA A 38 -15.76 -21.61 -1.08
N PRO A 39 -14.77 -22.41 -1.39
CA PRO A 39 -14.98 -23.69 -2.12
C PRO A 39 -16.10 -24.52 -1.52
N ALA A 40 -16.90 -25.16 -2.37
CA ALA A 40 -18.00 -25.99 -1.91
C ALA A 40 -18.30 -27.10 -2.90
N TRP A 41 -19.56 -27.50 -2.97
CA TRP A 41 -19.96 -28.56 -3.90
C TRP A 41 -19.05 -29.77 -3.75
N GLY A 1 -22.29 2.61 10.65
CA GLY A 1 -21.39 3.78 10.39
C GLY A 1 -19.99 3.27 10.04
N PRO A 2 -19.33 3.93 9.13
CA PRO A 2 -17.96 3.54 8.70
C PRO A 2 -16.90 3.86 9.75
N LEU A 3 -15.65 3.51 9.47
CA LEU A 3 -14.57 3.77 10.41
C LEU A 3 -13.30 4.16 9.66
N GLY A 4 -13.26 5.41 9.20
CA GLY A 4 -12.10 5.91 8.46
C GLY A 4 -11.21 6.76 9.36
N SER A 5 -10.02 7.09 8.87
CA SER A 5 -9.08 7.91 9.63
C SER A 5 -7.95 8.39 8.75
N MET A 6 -7.55 9.65 8.96
CA MET A 6 -6.46 10.23 8.17
C MET A 6 -5.62 11.16 9.03
N PRO A 7 -4.32 11.09 8.88
CA PRO A 7 -3.37 11.94 9.66
C PRO A 7 -3.38 13.39 9.18
N LEU A 8 -2.51 14.20 9.76
CA LEU A 8 -2.43 15.62 9.39
C LEU A 8 -1.06 15.94 8.81
N LEU A 9 -0.81 15.44 7.60
CA LEU A 9 0.46 15.69 6.93
C LEU A 9 0.55 14.88 5.65
N GLU A 10 0.83 15.58 4.55
CA GLU A 10 0.94 14.92 3.25
C GLU A 10 2.12 15.48 2.47
N THR A 11 3.33 15.19 2.96
CA THR A 11 4.54 15.67 2.29
C THR A 11 5.65 14.62 2.38
N LEU A 12 5.55 13.60 1.55
CA LEU A 12 6.55 12.53 1.54
C LEU A 12 7.34 12.56 0.24
N THR A 13 8.00 11.44 -0.05
CA THR A 13 8.79 11.33 -1.27
C THR A 13 8.37 10.12 -2.08
N ASP A 14 9.19 9.74 -3.06
CA ASP A 14 8.88 8.60 -3.90
C ASP A 14 9.08 7.30 -3.14
N ALA A 15 9.96 7.34 -2.14
CA ALA A 15 10.25 6.17 -1.33
C ALA A 15 9.01 5.73 -0.57
N GLU A 16 8.34 6.68 0.08
CA GLU A 16 7.15 6.38 0.86
C GLU A 16 6.07 5.79 -0.04
N MET A 17 5.88 6.38 -1.21
CA MET A 17 4.88 5.90 -2.16
C MET A 17 5.17 4.47 -2.57
N GLU A 18 6.42 4.21 -2.94
CA GLU A 18 6.80 2.86 -3.35
C GLU A 18 6.71 1.90 -2.17
N LYS A 19 6.92 2.42 -0.97
CA LYS A 19 6.86 1.60 0.23
C LYS A 19 5.42 1.15 0.51
N LYS A 20 4.50 2.11 0.47
CA LYS A 20 3.09 1.81 0.72
C LYS A 20 2.49 1.07 -0.47
N ILE A 21 2.75 1.59 -1.67
CA ILE A 21 2.22 0.98 -2.88
C ILE A 21 2.72 -0.46 -3.01
N ARG A 22 4.03 -0.64 -2.85
CA ARG A 22 4.62 -1.97 -2.95
C ARG A 22 4.11 -2.87 -1.84
N ASP A 23 4.07 -2.33 -0.62
CA ASP A 23 3.61 -3.10 0.52
C ASP A 23 2.14 -3.48 0.35
N GLN A 24 1.33 -2.52 -0.06
CA GLN A 24 -0.10 -2.78 -0.27
C GLN A 24 -0.31 -3.68 -1.47
N ASP A 25 0.63 -3.65 -2.40
CA ASP A 25 0.55 -4.47 -3.60
C ASP A 25 0.85 -5.93 -3.26
N ARG A 26 1.81 -6.13 -2.38
CA ARG A 26 2.19 -7.48 -1.97
C ARG A 26 1.14 -8.08 -1.03
N ASN A 27 0.60 -7.23 -0.15
CA ASN A 27 -0.41 -7.68 0.79
C ASN A 27 -1.70 -8.02 0.06
N THR A 28 -2.13 -7.14 -0.83
CA THR A 28 -3.36 -7.36 -1.59
C THR A 28 -3.19 -8.53 -2.54
N ARG A 29 -2.07 -8.54 -3.27
CA ARG A 29 -1.80 -9.61 -4.22
C ARG A 29 -1.72 -10.96 -3.51
N ARG A 30 -1.13 -10.96 -2.32
CA ARG A 30 -1.00 -12.19 -1.55
C ARG A 30 -2.36 -12.63 -1.00
N MET A 31 -3.17 -11.65 -0.60
CA MET A 31 -4.49 -11.95 -0.07
C MET A 31 -5.48 -12.24 -1.19
N ARG A 32 -5.23 -11.66 -2.35
CA ARG A 32 -6.10 -11.86 -3.50
C ARG A 32 -5.90 -13.24 -4.10
N ARG A 33 -4.63 -13.63 -4.28
CA ARG A 33 -4.31 -14.94 -4.82
C ARG A 33 -4.76 -16.05 -3.88
N LEU A 34 -4.95 -15.69 -2.63
CA LEU A 34 -5.39 -16.66 -1.62
C LEU A 34 -6.91 -16.73 -1.56
N ALA A 35 -7.56 -16.26 -2.64
CA ALA A 35 -9.01 -16.28 -2.69
C ALA A 35 -9.51 -15.34 -3.79
N ASN A 36 -10.36 -15.86 -4.67
CA ASN A 36 -10.90 -15.05 -5.76
C ASN A 36 -12.29 -15.54 -6.15
N THR A 37 -13.10 -14.64 -6.66
CA THR A 37 -14.46 -14.99 -7.07
C THR A 37 -14.73 -14.50 -8.49
N ALA A 38 -15.94 -13.98 -8.71
CA ALA A 38 -16.31 -13.49 -10.03
C ALA A 38 -16.52 -14.65 -11.00
N PRO A 39 -17.56 -14.58 -11.80
CA PRO A 39 -17.89 -15.64 -12.79
C PRO A 39 -16.92 -15.63 -13.98
N ALA A 40 -15.66 -15.95 -13.71
CA ALA A 40 -14.64 -15.98 -14.76
C ALA A 40 -14.17 -14.56 -15.08
N TRP A 41 -12.88 -14.43 -15.38
CA TRP A 41 -12.31 -13.12 -15.70
C TRP A 41 -13.33 -12.27 -16.45
N GLY A 1 11.67 18.87 5.56
CA GLY A 1 11.06 18.13 6.70
C GLY A 1 11.97 16.97 7.11
N PRO A 2 12.95 17.26 7.92
CA PRO A 2 13.92 16.23 8.40
C PRO A 2 13.30 15.28 9.43
N LEU A 3 13.93 14.12 9.61
CA LEU A 3 13.42 13.13 10.55
C LEU A 3 12.09 12.56 10.08
N GLY A 4 12.16 11.51 9.27
CA GLY A 4 10.95 10.89 8.75
C GLY A 4 9.99 10.52 9.88
N SER A 5 8.79 11.09 9.84
CA SER A 5 7.79 10.81 10.86
C SER A 5 6.49 11.56 10.56
N MET A 6 5.62 11.66 11.56
CA MET A 6 4.35 12.35 11.39
C MET A 6 3.47 11.61 10.38
N PRO A 7 2.18 11.82 10.46
CA PRO A 7 1.21 11.16 9.55
C PRO A 7 1.26 11.74 8.13
N LEU A 8 0.17 11.58 7.39
CA LEU A 8 0.10 12.10 6.02
C LEU A 8 -0.17 13.59 6.03
N LEU A 9 0.52 14.32 6.90
CA LEU A 9 0.34 15.76 7.00
C LEU A 9 1.56 16.49 6.44
N GLU A 10 2.28 15.82 5.55
CA GLU A 10 3.47 16.40 4.94
C GLU A 10 3.88 15.60 3.71
N THR A 11 3.80 16.24 2.55
CA THR A 11 4.17 15.60 1.29
C THR A 11 5.29 14.58 1.52
N LEU A 12 5.24 13.49 0.79
CA LEU A 12 6.25 12.45 0.92
C LEU A 12 7.15 12.41 -0.32
N THR A 13 7.84 11.30 -0.49
CA THR A 13 8.73 11.14 -1.64
C THR A 13 8.39 9.87 -2.42
N ASP A 14 9.27 9.47 -3.32
CA ASP A 14 9.05 8.27 -4.13
C ASP A 14 9.23 7.02 -3.28
N ALA A 15 10.05 7.14 -2.24
CA ALA A 15 10.31 6.02 -1.35
C ALA A 15 9.07 5.66 -0.54
N GLU A 16 8.45 6.68 0.05
CA GLU A 16 7.25 6.46 0.85
C GLU A 16 6.10 5.95 -0.02
N MET A 17 5.92 6.60 -1.17
CA MET A 17 4.86 6.20 -2.09
C MET A 17 5.06 4.76 -2.55
N GLU A 18 6.29 4.42 -2.90
CA GLU A 18 6.60 3.07 -3.36
C GLU A 18 6.55 2.09 -2.20
N LYS A 19 6.85 2.58 -1.00
CA LYS A 19 6.84 1.74 0.19
C LYS A 19 5.42 1.26 0.48
N LYS A 20 4.48 2.20 0.50
CA LYS A 20 3.08 1.86 0.77
C LYS A 20 2.49 1.08 -0.40
N ILE A 21 2.66 1.61 -1.60
CA ILE A 21 2.14 0.95 -2.80
C ILE A 21 2.67 -0.46 -2.92
N ARG A 22 3.98 -0.61 -2.71
CA ARG A 22 4.62 -1.93 -2.80
C ARG A 22 4.09 -2.84 -1.71
N ASP A 23 4.04 -2.34 -0.49
CA ASP A 23 3.54 -3.13 0.64
C ASP A 23 2.08 -3.52 0.43
N GLN A 24 1.27 -2.55 0.02
CA GLN A 24 -0.14 -2.80 -0.23
C GLN A 24 -0.33 -3.71 -1.43
N ASP A 25 0.63 -3.66 -2.35
CA ASP A 25 0.57 -4.48 -3.55
C ASP A 25 0.87 -5.94 -3.21
N ARG A 26 1.82 -6.15 -2.32
CA ARG A 26 2.21 -7.49 -1.91
C ARG A 26 1.14 -8.09 -0.99
N ASN A 27 0.56 -7.24 -0.14
CA ASN A 27 -0.47 -7.70 0.79
C ASN A 27 -1.75 -8.05 0.04
N THR A 28 -2.16 -7.17 -0.87
CA THR A 28 -3.37 -7.39 -1.64
C THR A 28 -3.18 -8.56 -2.60
N ARG A 29 -2.05 -8.58 -3.31
CA ARG A 29 -1.77 -9.65 -4.25
C ARG A 29 -1.71 -10.99 -3.54
N ARG A 30 -1.02 -11.04 -2.40
CA ARG A 30 -0.90 -12.27 -1.63
C ARG A 30 -2.28 -12.72 -1.14
N MET A 31 -3.05 -11.79 -0.58
CA MET A 31 -4.38 -12.12 -0.09
C MET A 31 -5.36 -12.26 -1.24
N ARG A 32 -5.01 -11.66 -2.38
CA ARG A 32 -5.87 -11.73 -3.55
C ARG A 32 -5.83 -13.12 -4.17
N ARG A 33 -4.64 -13.70 -4.24
CA ARG A 33 -4.48 -15.03 -4.81
C ARG A 33 -5.31 -16.05 -4.04
N LEU A 34 -5.66 -15.70 -2.82
CA LEU A 34 -6.46 -16.59 -1.99
C LEU A 34 -7.74 -15.88 -1.52
N ALA A 35 -8.08 -16.07 -0.25
CA ALA A 35 -9.28 -15.46 0.30
C ALA A 35 -10.53 -16.13 -0.26
N ASN A 36 -10.97 -15.66 -1.42
CA ASN A 36 -12.16 -16.22 -2.06
C ASN A 36 -12.10 -16.01 -3.57
N THR A 37 -12.38 -17.09 -4.31
CA THR A 37 -12.36 -17.02 -5.77
C THR A 37 -13.42 -17.93 -6.37
N ALA A 38 -14.58 -17.37 -6.70
CA ALA A 38 -15.66 -18.14 -7.27
C ALA A 38 -15.24 -18.73 -8.62
N PRO A 39 -15.63 -19.95 -8.88
CA PRO A 39 -15.29 -20.65 -10.14
C PRO A 39 -16.09 -20.11 -11.33
N ALA A 40 -16.18 -20.91 -12.39
CA ALA A 40 -16.92 -20.49 -13.58
C ALA A 40 -18.41 -20.34 -13.27
N TRP A 41 -18.87 -21.05 -12.24
CA TRP A 41 -20.27 -20.99 -11.84
C TRP A 41 -20.52 -21.83 -10.60
#